data_4BZ1
#
_entry.id   4BZ1
#
_cell.length_a   39.802
_cell.length_b   107.009
_cell.length_c   134.896
_cell.angle_alpha   90.00
_cell.angle_beta   90.00
_cell.angle_gamma   90.00
#
_symmetry.space_group_name_H-M   'P 2 21 21'
#
loop_
_entity.id
_entity.type
_entity.pdbx_description
1 polymer 'ENVELOPE PROTEIN'
2 polymer 'FAB 3E31 HEAVY CHAIN'
3 polymer 'FAB 3E31 LIGHT CHAIN'
4 non-polymer GLYCEROL
5 non-polymer 'SODIUM ION'
6 non-polymer 'ZINC ION'
7 non-polymer 'CHLORIDE ION'
8 water water
#
loop_
_entity_poly.entity_id
_entity_poly.type
_entity_poly.pdbx_seq_one_letter_code
_entity_poly.pdbx_strand_id
1 'polypeptide(L)'
;MCSGKFSIDKEMAETQHGTTVVKVKYEGAGAPCKVPIEIRDVNKEKVVGRIISSTPFAEYTNSVTNIELEPPFGDSYIVI
GVGDSALTLHWFRKHHHHHH
;
A
2 'polypeptide(L)'
;QVQLQQPGAEFVKPGASVKMSCKASGYTFTSYWINWVKQRPGQGLEWIGDIYPGRGTTNYNENFKSKATLTLDTSSSTAY
MQLSSLTSEDSAVYYCSRGSKGAMDYWGQGTSVTVSSAKTTPPSVYPLAPGTAALKSSMVTLGCLVKGYFPEPVTLTWNS
GSLSSGVHTFPAVLQSDLYTLSSSVTVTSSTWPSQTITCNVAHPASSTKVDKKIVPR
;
H
3 'polypeptide(L)'
;DIVMSQSPSSLAVSVGEKVTLSCKSSQSLLYSSNQKNHLAWYQQKPGQSPKLLIYWASTRESGVPDRFTGSGSGTDFTLT
INSVKAEDLAVYYCQHFYIYPYTFGGGTKLEIKRADAAPTVSIFPPSSEQLTSGGASVVCFLNNFAPKDINVKWKIDGSE
RQNGVLNSWTDQDSKDSTYSMSSTLTLTKDEYERHNSYTCEATHKTSTSPIVKSFNRN
;
L
#
loop_
_chem_comp.id
_chem_comp.type
_chem_comp.name
_chem_comp.formula
CL non-polymer 'CHLORIDE ION' 'Cl -1'
GOL non-polymer GLYCEROL 'C3 H8 O3'
NA non-polymer 'SODIUM ION' 'Na 1'
ZN non-polymer 'ZINC ION' 'Zn 2'
#
# COMPACT_ATOMS: atom_id res chain seq x y z
N MET A 1 28.39 23.35 -22.82
CA MET A 1 27.60 22.51 -23.72
C MET A 1 28.20 21.10 -23.82
N CYS A 2 27.60 20.28 -24.67
CA CYS A 2 28.07 18.92 -24.91
C CYS A 2 28.28 18.74 -26.40
N SER A 3 29.50 18.39 -26.80
CA SER A 3 29.87 18.44 -28.21
C SER A 3 30.10 17.07 -28.84
N GLY A 4 29.97 16.00 -28.06
CA GLY A 4 30.13 14.66 -28.58
C GLY A 4 28.97 14.28 -29.48
N LYS A 5 29.07 13.11 -30.11
CA LYS A 5 27.98 12.62 -30.94
C LYS A 5 26.84 12.07 -30.08
N PHE A 6 25.61 12.30 -30.54
CA PHE A 6 24.45 11.72 -29.89
C PHE A 6 23.80 10.71 -30.82
N SER A 7 23.17 9.68 -30.23
CA SER A 7 22.46 8.67 -30.99
C SER A 7 21.20 8.28 -30.24
N ILE A 8 20.23 7.70 -30.93
CA ILE A 8 18.98 7.32 -30.30
C ILE A 8 19.07 5.94 -29.66
N ASP A 9 18.75 5.87 -28.36
CA ASP A 9 18.68 4.62 -27.64
C ASP A 9 17.30 4.00 -27.86
N LYS A 10 16.27 4.83 -27.74
CA LYS A 10 14.91 4.43 -28.01
C LYS A 10 14.19 5.58 -28.71
N GLU A 11 13.51 5.29 -29.80
CA GLU A 11 12.89 6.34 -30.61
C GLU A 11 11.85 7.11 -29.81
N MET A 12 11.71 8.39 -30.14
CA MET A 12 10.77 9.27 -29.45
C MET A 12 9.37 8.67 -29.46
N ALA A 13 8.67 8.82 -28.33
CA ALA A 13 7.31 8.30 -28.21
C ALA A 13 6.46 9.20 -27.31
N GLU A 14 5.15 9.09 -27.44
CA GLU A 14 4.22 9.84 -26.60
C GLU A 14 4.16 9.21 -25.21
N THR A 15 4.02 10.06 -24.20
CA THR A 15 3.91 9.58 -22.82
C THR A 15 2.46 9.58 -22.36
N GLN A 16 2.20 8.85 -21.28
CA GLN A 16 0.88 8.77 -20.68
C GLN A 16 0.26 10.14 -20.38
N HIS A 17 1.09 11.16 -20.20
CA HIS A 17 0.61 12.45 -19.71
C HIS A 17 0.76 13.60 -20.70
N GLY A 18 0.80 13.29 -21.99
CA GLY A 18 0.73 14.31 -23.02
C GLY A 18 2.04 14.99 -23.35
N THR A 19 3.15 14.33 -23.05
CA THR A 19 4.46 14.79 -23.50
C THR A 19 5.05 13.74 -24.41
N THR A 20 6.25 13.99 -24.91
CA THR A 20 6.99 12.99 -25.66
C THR A 20 8.36 12.84 -25.03
N VAL A 21 8.91 11.63 -25.08
CA VAL A 21 10.20 11.36 -24.46
C VAL A 21 11.09 10.61 -25.45
N VAL A 22 12.37 10.96 -25.45
CA VAL A 22 13.34 10.29 -26.30
C VAL A 22 14.62 10.03 -25.52
N LYS A 23 15.12 8.82 -25.63
CA LYS A 23 16.34 8.45 -24.93
C LYS A 23 17.53 8.56 -25.89
N VAL A 24 18.51 9.35 -25.50
CA VAL A 24 19.67 9.58 -26.35
C VAL A 24 20.94 9.04 -25.70
N LYS A 25 21.69 8.27 -26.47
CA LYS A 25 22.95 7.70 -25.99
C LYS A 25 24.10 8.60 -26.42
N TYR A 26 24.75 9.21 -25.43
CA TYR A 26 25.86 10.12 -25.69
C TYR A 26 27.13 9.34 -26.00
N GLU A 27 27.68 9.54 -27.19
CA GLU A 27 28.90 8.85 -27.60
C GLU A 27 30.00 9.87 -27.85
N GLY A 28 30.58 10.41 -26.77
CA GLY A 28 31.62 11.41 -26.90
C GLY A 28 32.32 11.73 -25.60
N ALA A 29 33.43 12.45 -25.71
CA ALA A 29 34.23 12.83 -24.55
C ALA A 29 33.71 14.12 -23.93
N GLY A 30 34.11 14.37 -22.68
CA GLY A 30 33.83 15.64 -22.05
C GLY A 30 32.64 15.65 -21.11
N ALA A 31 32.09 14.47 -20.83
CA ALA A 31 30.96 14.37 -19.90
C ALA A 31 31.45 14.59 -18.47
N PRO A 32 30.56 15.06 -17.59
CA PRO A 32 29.17 15.40 -17.91
C PRO A 32 29.04 16.74 -18.63
N CYS A 33 27.96 16.93 -19.39
CA CYS A 33 27.79 18.13 -20.19
C CYS A 33 26.32 18.37 -20.55
N LYS A 34 26.00 19.61 -20.94
CA LYS A 34 24.64 19.97 -21.32
C LYS A 34 24.29 19.43 -22.70
N VAL A 35 23.18 18.69 -22.78
CA VAL A 35 22.71 18.19 -24.06
C VAL A 35 22.13 19.33 -24.88
N PRO A 36 22.76 19.66 -26.02
CA PRO A 36 22.20 20.72 -26.87
C PRO A 36 20.87 20.29 -27.46
N ILE A 37 19.82 21.05 -27.19
CA ILE A 37 18.49 20.74 -27.71
C ILE A 37 17.85 21.99 -28.28
N GLU A 38 17.01 21.81 -29.30
CA GLU A 38 16.37 22.91 -29.98
C GLU A 38 15.15 22.39 -30.73
N ILE A 39 13.99 22.97 -30.48
CA ILE A 39 12.78 22.52 -31.17
C ILE A 39 12.34 23.59 -32.17
N ARG A 40 12.11 23.16 -33.40
CA ARG A 40 11.76 24.07 -34.48
C ARG A 40 10.44 23.64 -35.11
N ASP A 41 9.57 24.61 -35.34
CA ASP A 41 8.29 24.34 -35.99
C ASP A 41 8.55 23.97 -37.44
N VAL A 42 7.49 23.80 -38.23
CA VAL A 42 7.63 23.41 -39.62
C VAL A 42 8.44 24.45 -40.40
N ASN A 43 8.42 25.69 -39.93
CA ASN A 43 9.18 26.76 -40.55
C ASN A 43 10.59 26.88 -40.00
N LYS A 44 11.09 25.81 -39.38
CA LYS A 44 12.40 25.84 -38.75
C LYS A 44 12.49 26.99 -37.75
N GLU A 45 11.34 27.42 -37.25
CA GLU A 45 11.28 28.52 -36.29
C GLU A 45 11.30 27.97 -34.86
N LYS A 46 12.35 28.31 -34.13
CA LYS A 46 12.55 27.81 -32.78
C LYS A 46 11.28 27.90 -31.93
N VAL A 47 10.71 26.75 -31.62
CA VAL A 47 9.61 26.67 -30.67
C VAL A 47 10.18 26.72 -29.26
N VAL A 48 9.61 27.58 -28.42
CA VAL A 48 10.24 27.95 -27.16
C VAL A 48 9.72 27.21 -25.94
N GLY A 49 10.62 26.99 -24.98
CA GLY A 49 10.26 26.45 -23.68
C GLY A 49 9.28 25.30 -23.71
N ARG A 50 9.70 24.18 -24.29
CA ARG A 50 8.88 22.97 -24.31
C ARG A 50 9.73 21.75 -23.95
N ILE A 51 10.78 22.00 -23.17
CA ILE A 51 11.59 20.91 -22.63
C ILE A 51 11.23 20.70 -21.17
N ILE A 52 10.39 19.70 -20.91
CA ILE A 52 9.85 19.47 -19.58
C ILE A 52 10.95 19.00 -18.62
N SER A 53 11.83 18.13 -19.12
CA SER A 53 12.97 17.69 -18.34
C SER A 53 13.78 18.89 -17.85
N SER A 54 14.33 18.78 -16.66
CA SER A 54 15.30 19.75 -16.20
C SER A 54 16.47 19.69 -17.17
N THR A 55 17.17 20.80 -17.35
CA THR A 55 18.27 20.87 -18.31
C THR A 55 19.01 19.54 -18.37
N PRO A 56 18.80 18.77 -19.46
CA PRO A 56 19.32 17.40 -19.56
C PRO A 56 20.84 17.32 -19.58
N PHE A 57 21.39 16.29 -18.94
CA PHE A 57 22.83 16.09 -18.85
C PHE A 57 23.23 14.70 -19.34
N ALA A 58 24.40 14.61 -19.96
CA ALA A 58 25.03 13.33 -20.23
C ALA A 58 25.99 13.06 -19.08
N GLU A 59 25.95 11.84 -18.55
CA GLU A 59 26.72 11.51 -17.34
C GLU A 59 28.15 11.08 -17.66
N TYR A 60 28.31 10.36 -18.76
CA TYR A 60 29.60 9.78 -19.12
C TYR A 60 29.53 9.26 -20.55
N THR A 61 30.68 8.92 -21.12
CA THR A 61 30.71 8.38 -22.48
C THR A 61 29.82 7.14 -22.57
N ASN A 62 28.90 7.15 -23.52
CA ASN A 62 27.93 6.08 -23.69
C ASN A 62 26.88 6.05 -22.57
N SER A 63 26.50 7.22 -22.09
CA SER A 63 25.45 7.35 -21.09
C SER A 63 24.12 7.77 -21.71
N VAL A 64 23.07 7.01 -21.44
CA VAL A 64 21.76 7.30 -22.00
C VAL A 64 21.03 8.35 -21.15
N THR A 65 20.25 9.20 -21.82
CA THR A 65 19.57 10.29 -21.14
C THR A 65 18.13 10.46 -21.62
N ASN A 66 17.18 10.43 -20.69
CA ASN A 66 15.79 10.68 -21.01
C ASN A 66 15.51 12.17 -21.14
N ILE A 67 14.96 12.57 -22.29
CA ILE A 67 14.54 13.95 -22.50
C ILE A 67 13.04 13.99 -22.74
N GLU A 68 12.32 14.80 -21.97
CA GLU A 68 10.89 14.92 -22.15
C GLU A 68 10.54 16.30 -22.70
N LEU A 69 9.81 16.31 -23.80
CA LEU A 69 9.43 17.55 -24.46
C LEU A 69 7.92 17.64 -24.56
N GLU A 70 7.41 18.87 -24.68
CA GLU A 70 6.01 19.07 -25.01
C GLU A 70 5.93 19.68 -26.41
N PRO A 71 6.06 18.83 -27.44
CA PRO A 71 6.07 19.34 -28.81
C PRO A 71 4.79 20.10 -29.16
N PRO A 72 4.89 21.05 -30.11
CA PRO A 72 3.71 21.76 -30.58
C PRO A 72 2.87 20.87 -31.49
N PHE A 73 1.61 21.22 -31.69
CA PHE A 73 0.74 20.44 -32.56
C PHE A 73 1.16 20.64 -34.02
N GLY A 74 0.95 19.62 -34.82
CA GLY A 74 1.42 19.61 -36.19
C GLY A 74 2.84 19.09 -36.27
N ASP A 75 3.60 19.59 -37.24
CA ASP A 75 4.97 19.13 -37.46
C ASP A 75 5.97 19.88 -36.57
N SER A 76 6.99 19.16 -36.12
CA SER A 76 8.07 19.73 -35.33
C SER A 76 9.36 18.98 -35.59
N TYR A 77 10.49 19.60 -35.25
CA TYR A 77 11.79 18.98 -35.48
C TYR A 77 12.70 19.18 -34.28
N ILE A 78 13.19 18.07 -33.74
CA ILE A 78 14.03 18.10 -32.54
C ILE A 78 15.49 17.88 -32.91
N VAL A 79 16.28 18.93 -32.78
CA VAL A 79 17.70 18.88 -33.07
C VAL A 79 18.49 18.60 -31.80
N ILE A 80 19.06 17.40 -31.72
CA ILE A 80 19.87 17.00 -30.57
C ILE A 80 21.34 17.05 -30.93
N GLY A 81 22.16 17.58 -30.03
CA GLY A 81 23.58 17.75 -30.29
C GLY A 81 23.82 19.01 -31.10
N VAL A 82 25.07 19.22 -31.50
CA VAL A 82 25.44 20.41 -32.24
C VAL A 82 26.31 20.05 -33.45
N GLY A 83 26.36 20.95 -34.43
CA GLY A 83 27.18 20.76 -35.60
C GLY A 83 26.63 19.70 -36.53
N ASP A 84 27.53 19.04 -37.26
CA ASP A 84 27.14 18.00 -38.20
C ASP A 84 26.84 16.67 -37.51
N SER A 85 27.16 16.60 -36.23
CA SER A 85 26.84 15.43 -35.43
C SER A 85 25.37 15.47 -34.98
N ALA A 86 24.74 16.62 -35.20
CA ALA A 86 23.39 16.87 -34.69
C ALA A 86 22.35 15.93 -35.29
N LEU A 87 21.51 15.37 -34.43
CA LEU A 87 20.39 14.54 -34.86
C LEU A 87 19.19 15.43 -35.13
N THR A 88 18.45 15.14 -36.19
CA THR A 88 17.18 15.82 -36.44
C THR A 88 16.06 14.79 -36.53
N LEU A 89 15.21 14.78 -35.51
CA LEU A 89 14.08 13.86 -35.46
C LEU A 89 12.82 14.62 -35.86
N HIS A 90 11.89 13.94 -36.51
CA HIS A 90 10.63 14.56 -36.88
C HIS A 90 9.51 14.05 -35.98
N TRP A 91 8.61 14.95 -35.60
CA TRP A 91 7.46 14.57 -34.80
C TRP A 91 6.20 15.28 -35.27
N PHE A 92 5.10 14.54 -35.29
CA PHE A 92 3.79 15.11 -35.60
C PHE A 92 2.84 14.84 -34.44
N ARG A 93 2.31 15.90 -33.84
CA ARG A 93 1.38 15.74 -32.73
C ARG A 93 -0.05 16.04 -33.14
N LYS A 94 -0.90 15.02 -33.04
CA LYS A 94 -2.31 15.17 -33.37
C LYS A 94 -3.02 15.94 -32.27
N HIS A 95 -4.13 16.59 -32.62
CA HIS A 95 -4.88 17.42 -31.67
C HIS A 95 -5.39 16.62 -30.48
N HIS A 96 -5.60 15.32 -30.66
CA HIS A 96 -6.06 14.45 -29.57
C HIS A 96 -5.23 13.17 -29.51
N GLN B 1 -18.06 -3.49 -15.23
CA GLN B 1 -17.33 -2.26 -14.81
C GLN B 1 -15.83 -2.47 -14.91
N VAL B 2 -15.06 -1.40 -14.78
CA VAL B 2 -13.60 -1.47 -14.88
C VAL B 2 -13.03 -2.39 -13.79
N GLN B 3 -12.16 -3.30 -14.18
CA GLN B 3 -11.57 -4.25 -13.24
C GLN B 3 -10.14 -4.63 -13.61
N LEU B 4 -9.29 -4.72 -12.59
CA LEU B 4 -7.93 -5.20 -12.74
C LEU B 4 -7.71 -6.33 -11.73
N GLN B 5 -7.36 -7.51 -12.22
CA GLN B 5 -7.28 -8.70 -11.38
C GLN B 5 -5.84 -9.19 -11.25
N GLN B 6 -5.33 -9.21 -10.04
CA GLN B 6 -3.97 -9.69 -9.79
C GLN B 6 -3.98 -10.86 -8.80
N PRO B 7 -2.96 -11.72 -8.89
CA PRO B 7 -2.81 -12.80 -7.90
C PRO B 7 -2.60 -12.22 -6.51
N GLY B 8 -3.04 -12.93 -5.48
CA GLY B 8 -2.97 -12.43 -4.12
C GLY B 8 -1.56 -12.30 -3.58
N ALA B 9 -0.73 -13.33 -3.81
CA ALA B 9 0.58 -13.38 -3.17
C ALA B 9 1.56 -14.29 -3.90
N GLU B 10 2.85 -14.02 -3.68
CA GLU B 10 3.94 -14.80 -4.26
C GLU B 10 4.98 -14.99 -3.16
N PHE B 11 5.54 -16.19 -3.05
CA PHE B 11 6.60 -16.44 -2.10
C PHE B 11 7.81 -17.03 -2.81
N VAL B 12 8.95 -16.35 -2.71
CA VAL B 12 10.14 -16.77 -3.44
C VAL B 12 11.42 -16.50 -2.66
N LYS B 13 12.48 -17.22 -3.00
CA LYS B 13 13.76 -17.08 -2.32
C LYS B 13 14.57 -15.94 -2.91
N PRO B 14 15.56 -15.43 -2.15
CA PRO B 14 16.43 -14.37 -2.65
C PRO B 14 17.25 -14.85 -3.85
N GLY B 15 17.55 -13.95 -4.78
CA GLY B 15 18.33 -14.30 -5.96
C GLY B 15 17.46 -14.77 -7.10
N ALA B 16 16.23 -15.17 -6.80
CA ALA B 16 15.32 -15.65 -7.82
C ALA B 16 14.55 -14.50 -8.44
N SER B 17 13.72 -14.81 -9.43
CA SER B 17 12.86 -13.81 -10.06
C SER B 17 11.41 -14.22 -9.90
N VAL B 18 10.50 -13.28 -10.17
CA VAL B 18 9.08 -13.59 -10.18
C VAL B 18 8.35 -12.80 -11.25
N LYS B 19 7.27 -13.37 -11.77
CA LYS B 19 6.46 -12.71 -12.78
C LYS B 19 5.00 -12.72 -12.33
N MET B 20 4.35 -11.56 -12.38
CA MET B 20 2.98 -11.43 -11.91
C MET B 20 2.11 -10.77 -12.97
N SER B 21 0.84 -11.16 -12.99
CA SER B 21 -0.07 -10.75 -14.04
C SER B 21 -1.07 -9.70 -13.57
N CYS B 22 -1.64 -8.98 -14.54
CA CYS B 22 -2.65 -7.96 -14.26
C CYS B 22 -3.70 -7.97 -15.38
N LYS B 23 -4.81 -8.64 -15.12
CA LYS B 23 -5.82 -8.91 -16.14
C LYS B 23 -6.93 -7.86 -16.15
N ALA B 24 -7.09 -7.16 -17.27
CA ALA B 24 -8.04 -6.06 -17.36
C ALA B 24 -9.36 -6.47 -17.99
N SER B 25 -10.45 -5.85 -17.52
CA SER B 25 -11.76 -6.03 -18.14
C SER B 25 -12.63 -4.79 -17.91
N GLY B 26 -13.68 -4.65 -18.70
CA GLY B 26 -14.65 -3.59 -18.49
C GLY B 26 -14.45 -2.37 -19.36
N TYR B 27 -13.40 -2.36 -20.16
CA TYR B 27 -13.11 -1.23 -21.04
C TYR B 27 -12.17 -1.67 -22.16
N THR B 28 -12.03 -0.83 -23.17
CA THR B 28 -11.15 -1.14 -24.29
C THR B 28 -9.69 -1.00 -23.86
N PHE B 29 -9.00 -2.12 -23.81
CA PHE B 29 -7.68 -2.24 -23.19
C PHE B 29 -6.61 -1.36 -23.82
N THR B 30 -6.69 -1.16 -25.14
CA THR B 30 -5.66 -0.44 -25.87
C THR B 30 -5.81 1.08 -25.79
N SER B 31 -6.85 1.54 -25.10
CA SER B 31 -7.12 2.97 -25.00
C SER B 31 -6.52 3.60 -23.75
N TYR B 32 -5.94 2.78 -22.88
CA TYR B 32 -5.44 3.26 -21.60
C TYR B 32 -4.07 2.68 -21.26
N TRP B 33 -3.28 3.45 -20.54
CA TRP B 33 -1.98 2.99 -20.04
C TRP B 33 -2.19 2.14 -18.80
N ILE B 34 -1.17 1.34 -18.47
CA ILE B 34 -1.14 0.60 -17.21
C ILE B 34 0.13 0.97 -16.45
N ASN B 35 -0.04 1.39 -15.20
CA ASN B 35 1.08 1.65 -14.30
C ASN B 35 1.29 0.50 -13.33
N TRP B 36 2.50 0.44 -12.78
CA TRP B 36 2.79 -0.48 -11.67
C TRP B 36 3.34 0.33 -10.51
N VAL B 37 2.87 0.00 -9.30
CA VAL B 37 3.22 0.76 -8.11
C VAL B 37 3.60 -0.18 -6.99
N LYS B 38 4.64 0.19 -6.25
CA LYS B 38 5.14 -0.62 -5.14
C LYS B 38 4.76 0.04 -3.81
N GLN B 39 4.38 -0.80 -2.85
CA GLN B 39 4.09 -0.32 -1.51
C GLN B 39 4.64 -1.28 -0.48
N ARG B 40 5.67 -0.84 0.24
CA ARG B 40 6.20 -1.62 1.35
C ARG B 40 5.17 -1.60 2.47
N PRO B 41 5.10 -2.67 3.25
CA PRO B 41 4.03 -2.89 4.25
C PRO B 41 3.56 -1.62 4.96
N GLY B 42 4.47 -0.91 5.61
CA GLY B 42 4.11 0.26 6.40
C GLY B 42 4.39 1.58 5.72
N GLN B 43 4.74 1.53 4.44
CA GLN B 43 5.19 2.72 3.72
C GLN B 43 4.21 3.17 2.64
N GLY B 44 4.61 4.19 1.87
CA GLY B 44 3.74 4.78 0.87
C GLY B 44 3.85 4.12 -0.49
N LEU B 45 3.54 4.88 -1.53
CA LEU B 45 3.47 4.36 -2.90
C LEU B 45 4.69 4.79 -3.72
N GLU B 46 5.19 3.88 -4.54
CA GLU B 46 6.34 4.16 -5.39
C GLU B 46 6.06 3.69 -6.81
N TRP B 47 6.16 4.61 -7.77
CA TRP B 47 5.89 4.30 -9.17
C TRP B 47 7.04 3.52 -9.79
N ILE B 48 6.73 2.35 -10.34
CA ILE B 48 7.75 1.51 -10.96
C ILE B 48 7.93 1.86 -12.43
N GLY B 49 6.82 2.00 -13.14
CA GLY B 49 6.85 2.34 -14.55
C GLY B 49 5.47 2.18 -15.18
N ASP B 50 5.37 2.44 -16.47
CA ASP B 50 4.10 2.25 -17.17
C ASP B 50 4.33 1.61 -18.53
N ILE B 51 3.23 1.17 -19.14
CA ILE B 51 3.28 0.56 -20.46
C ILE B 51 1.98 0.86 -21.20
N TYR B 52 2.04 1.10 -22.50
CA TYR B 52 0.84 1.42 -23.26
C TYR B 52 0.43 0.25 -24.17
N PRO B 53 -0.70 -0.37 -23.85
CA PRO B 53 -1.22 -1.50 -24.64
C PRO B 53 -1.41 -1.14 -26.11
N GLY B 54 -0.87 -1.96 -27.00
CA GLY B 54 -0.93 -1.71 -28.42
C GLY B 54 0.41 -1.26 -28.97
N ARG B 55 0.76 0.00 -28.74
CA ARG B 55 2.03 0.54 -29.22
C ARG B 55 3.21 -0.16 -28.54
N GLY B 56 3.04 -0.50 -27.26
CA GLY B 56 4.06 -1.23 -26.53
C GLY B 56 5.06 -0.33 -25.83
N THR B 57 4.80 0.98 -25.85
CA THR B 57 5.68 1.95 -25.21
C THR B 57 5.83 1.64 -23.73
N THR B 58 7.06 1.70 -23.22
CA THR B 58 7.31 1.51 -21.80
C THR B 58 8.17 2.63 -21.22
N ASN B 59 7.94 2.94 -19.95
CA ASN B 59 8.78 3.88 -19.22
C ASN B 59 9.07 3.36 -17.83
N TYR B 60 10.31 3.52 -17.37
CA TYR B 60 10.72 2.98 -16.08
C TYR B 60 11.26 4.05 -15.14
N ASN B 61 11.00 3.87 -13.86
CA ASN B 61 11.67 4.63 -12.82
C ASN B 61 13.11 4.12 -12.77
N GLU B 62 14.08 5.03 -12.77
CA GLU B 62 15.48 4.64 -12.83
C GLU B 62 15.83 3.69 -11.68
N ASN B 63 15.09 3.81 -10.57
CA ASN B 63 15.30 2.95 -9.41
C ASN B 63 15.02 1.48 -9.73
N PHE B 64 14.13 1.24 -10.69
CA PHE B 64 13.71 -0.12 -11.03
C PHE B 64 14.16 -0.54 -12.42
N LYS B 65 15.06 0.23 -13.00
CA LYS B 65 15.51 -0.01 -14.37
C LYS B 65 16.19 -1.38 -14.52
N SER B 66 16.95 -1.78 -13.51
CA SER B 66 17.66 -3.06 -13.55
C SER B 66 16.90 -4.14 -12.80
N LYS B 67 15.77 -3.76 -12.19
CA LYS B 67 15.02 -4.65 -11.34
C LYS B 67 13.73 -5.16 -12.01
N ALA B 68 13.04 -4.26 -12.70
CA ALA B 68 11.69 -4.56 -13.20
C ALA B 68 11.63 -4.63 -14.72
N THR B 69 10.70 -5.43 -15.22
CA THR B 69 10.44 -5.51 -16.66
C THR B 69 8.94 -5.57 -16.95
N LEU B 70 8.45 -4.65 -17.77
CA LEU B 70 7.03 -4.58 -18.09
C LEU B 70 6.75 -5.13 -19.48
N THR B 71 5.79 -6.04 -19.56
CA THR B 71 5.40 -6.64 -20.84
C THR B 71 3.89 -6.73 -20.97
N LEU B 72 3.43 -7.25 -22.11
CA LEU B 72 2.01 -7.34 -22.40
C LEU B 72 1.60 -8.64 -23.06
N ASP B 73 0.30 -8.88 -23.08
CA ASP B 73 -0.31 -9.88 -23.94
C ASP B 73 -1.67 -9.33 -24.33
N THR B 74 -1.72 -8.72 -25.52
CA THR B 74 -2.89 -7.97 -25.95
C THR B 74 -4.11 -8.87 -26.18
N SER B 75 -3.86 -10.14 -26.48
CA SER B 75 -4.94 -11.08 -26.73
C SER B 75 -5.73 -11.37 -25.45
N SER B 76 -5.02 -11.49 -24.34
CA SER B 76 -5.65 -11.78 -23.06
C SER B 76 -5.90 -10.51 -22.26
N SER B 77 -5.66 -9.36 -22.89
CA SER B 77 -5.81 -8.07 -22.22
C SER B 77 -5.09 -8.07 -20.88
N THR B 78 -3.90 -8.66 -20.86
CA THR B 78 -3.14 -8.80 -19.62
C THR B 78 -1.84 -8.02 -19.69
N ALA B 79 -1.38 -7.55 -18.54
CA ALA B 79 -0.07 -6.92 -18.43
C ALA B 79 0.74 -7.69 -17.40
N TYR B 80 2.05 -7.75 -17.58
CA TYR B 80 2.91 -8.50 -16.68
C TYR B 80 4.07 -7.65 -16.19
N MET B 81 4.53 -7.94 -14.96
CA MET B 81 5.76 -7.35 -14.47
C MET B 81 6.65 -8.43 -13.88
N GLN B 82 7.95 -8.36 -14.20
CA GLN B 82 8.91 -9.32 -13.69
C GLN B 82 9.96 -8.60 -12.86
N LEU B 83 10.26 -9.15 -11.69
CA LEU B 83 11.29 -8.60 -10.81
C LEU B 83 12.42 -9.62 -10.69
N SER B 84 13.65 -9.15 -10.81
CA SER B 84 14.81 -10.03 -10.83
C SER B 84 15.76 -9.76 -9.65
N SER B 85 16.72 -10.66 -9.45
CA SER B 85 17.69 -10.54 -8.37
C SER B 85 17.00 -10.04 -7.11
N LEU B 86 16.02 -10.81 -6.64
CA LEU B 86 15.18 -10.39 -5.53
C LEU B 86 15.90 -10.38 -4.19
N THR B 87 15.59 -9.39 -3.37
CA THR B 87 16.05 -9.33 -2.00
C THR B 87 14.87 -8.99 -1.10
N SER B 88 15.09 -8.94 0.21
CA SER B 88 14.03 -8.60 1.15
C SER B 88 13.49 -7.21 0.88
N GLU B 89 14.31 -6.35 0.29
CA GLU B 89 13.89 -4.99 -0.07
C GLU B 89 12.74 -5.03 -1.07
N ASP B 90 12.64 -6.13 -1.80
CA ASP B 90 11.60 -6.27 -2.82
C ASP B 90 10.31 -6.84 -2.23
N SER B 91 10.36 -7.22 -0.96
CA SER B 91 9.16 -7.70 -0.28
C SER B 91 8.19 -6.54 -0.14
N ALA B 92 7.04 -6.66 -0.81
CA ALA B 92 6.07 -5.57 -0.86
C ALA B 92 4.83 -6.00 -1.60
N VAL B 93 3.81 -5.14 -1.57
CA VAL B 93 2.63 -5.32 -2.40
C VAL B 93 2.86 -4.58 -3.71
N TYR B 94 2.42 -5.18 -4.81
CA TYR B 94 2.60 -4.56 -6.12
C TYR B 94 1.26 -4.43 -6.82
N TYR B 95 0.81 -3.19 -6.98
CA TYR B 95 -0.45 -2.91 -7.67
C TYR B 95 -0.23 -2.65 -9.14
N CYS B 96 -1.21 -3.00 -9.96
CA CYS B 96 -1.31 -2.46 -11.30
C CYS B 96 -2.50 -1.51 -11.30
N SER B 97 -2.43 -0.47 -12.11
CA SER B 97 -3.52 0.50 -12.18
C SER B 97 -3.71 0.97 -13.61
N ARG B 98 -4.92 1.42 -13.94
CA ARG B 98 -5.16 2.02 -15.24
C ARG B 98 -4.88 3.51 -15.18
N GLY B 99 -4.20 4.03 -16.18
CA GLY B 99 -3.81 5.42 -16.20
C GLY B 99 -4.61 6.25 -17.19
N SER B 100 -5.29 7.27 -16.69
CA SER B 100 -5.96 8.24 -17.54
C SER B 100 -5.25 9.57 -17.47
N LYS B 101 -4.32 9.79 -18.40
CA LYS B 101 -3.63 11.05 -18.54
C LYS B 101 -2.61 11.29 -17.42
N GLY B 102 -2.23 10.22 -16.72
CA GLY B 102 -1.28 10.31 -15.63
C GLY B 102 -1.92 10.03 -14.29
N ALA B 103 -3.23 10.19 -14.22
CA ALA B 103 -3.98 9.82 -13.03
C ALA B 103 -4.31 8.34 -13.09
N MET B 104 -4.28 7.68 -11.94
CA MET B 104 -4.53 6.25 -11.87
C MET B 104 -5.95 5.99 -11.37
N ASP B 105 -6.90 5.97 -12.31
CA ASP B 105 -8.32 6.01 -11.96
C ASP B 105 -8.91 4.66 -11.54
N TYR B 106 -8.16 3.59 -11.72
CA TYR B 106 -8.59 2.27 -11.25
C TYR B 106 -7.39 1.43 -10.85
N TRP B 107 -7.58 0.55 -9.86
CA TRP B 107 -6.48 -0.22 -9.31
C TRP B 107 -6.82 -1.69 -9.14
N GLY B 108 -5.80 -2.54 -9.24
CA GLY B 108 -5.93 -3.94 -8.89
C GLY B 108 -5.83 -4.09 -7.39
N GLN B 109 -6.11 -5.28 -6.87
CA GLN B 109 -6.12 -5.49 -5.43
C GLN B 109 -4.70 -5.68 -4.87
N GLY B 110 -3.74 -5.92 -5.76
CA GLY B 110 -2.34 -5.99 -5.36
C GLY B 110 -1.83 -7.39 -5.13
N THR B 111 -0.57 -7.61 -5.48
CA THR B 111 0.10 -8.89 -5.27
C THR B 111 1.19 -8.75 -4.21
N SER B 112 1.01 -9.40 -3.07
CA SER B 112 1.97 -9.29 -1.97
C SER B 112 3.13 -10.29 -2.14
N VAL B 113 4.33 -9.75 -2.32
CA VAL B 113 5.51 -10.57 -2.55
C VAL B 113 6.37 -10.67 -1.31
N THR B 114 6.62 -11.88 -0.84
CA THR B 114 7.58 -12.11 0.24
C THR B 114 8.85 -12.76 -0.32
N VAL B 115 9.97 -12.08 -0.10
CA VAL B 115 11.28 -12.61 -0.46
C VAL B 115 12.02 -13.01 0.80
N SER B 116 12.16 -14.31 1.01
CA SER B 116 12.83 -14.82 2.19
C SER B 116 13.41 -16.21 1.96
N SER B 117 14.54 -16.49 2.61
CA SER B 117 15.15 -17.81 2.55
C SER B 117 14.63 -18.69 3.69
N ALA B 118 13.80 -18.09 4.55
CA ALA B 118 13.21 -18.82 5.67
C ALA B 118 12.39 -20.01 5.17
N LYS B 119 12.32 -21.05 6.00
CA LYS B 119 11.56 -22.24 5.67
C LYS B 119 10.06 -22.02 5.83
N THR B 120 9.28 -22.48 4.86
CA THR B 120 7.83 -22.46 4.96
C THR B 120 7.41 -23.29 6.18
N THR B 121 6.58 -22.70 7.03
CA THR B 121 6.13 -23.39 8.23
C THR B 121 4.63 -23.19 8.42
N PRO B 122 3.88 -24.29 8.51
CA PRO B 122 2.42 -24.19 8.71
C PRO B 122 2.09 -23.70 10.11
N PRO B 123 0.87 -23.16 10.30
CA PRO B 123 0.51 -22.61 11.60
C PRO B 123 -0.02 -23.65 12.58
N SER B 124 0.30 -23.46 13.85
CA SER B 124 -0.37 -24.18 14.92
C SER B 124 -1.57 -23.34 15.35
N VAL B 125 -2.75 -23.94 15.31
CA VAL B 125 -3.96 -23.25 15.70
C VAL B 125 -4.48 -23.78 17.04
N TYR B 126 -4.64 -22.86 17.99
CA TYR B 126 -5.05 -23.21 19.34
C TYR B 126 -6.38 -22.56 19.66
N PRO B 127 -7.31 -23.31 20.23
CA PRO B 127 -8.60 -22.68 20.55
C PRO B 127 -8.53 -21.85 21.84
N LEU B 128 -9.35 -20.81 21.92
CA LEU B 128 -9.39 -19.92 23.07
C LEU B 128 -10.81 -19.89 23.62
N ALA B 129 -11.05 -20.73 24.61
CA ALA B 129 -12.36 -20.78 25.27
C ALA B 129 -12.26 -20.11 26.64
N PRO B 130 -13.39 -19.56 27.12
CA PRO B 130 -13.39 -18.87 28.42
C PRO B 130 -12.99 -19.78 29.57
N GLY B 131 -12.10 -19.28 30.44
CA GLY B 131 -11.66 -20.05 31.59
C GLY B 131 -12.81 -20.49 32.47
N SER B 137 -22.59 -11.26 30.96
CA SER B 137 -22.58 -12.65 30.51
C SER B 137 -23.64 -12.89 29.44
N SER B 138 -24.03 -11.83 28.75
CA SER B 138 -25.02 -11.92 27.68
C SER B 138 -24.32 -12.28 26.38
N MET B 139 -23.10 -11.76 26.21
CA MET B 139 -22.28 -12.07 25.05
CA MET B 139 -22.28 -12.07 25.05
C MET B 139 -21.00 -12.75 25.51
N VAL B 140 -20.55 -13.75 24.76
CA VAL B 140 -19.32 -14.45 25.07
C VAL B 140 -18.32 -14.31 23.94
N THR B 141 -17.08 -14.06 24.30
CA THR B 141 -16.01 -13.90 23.33
C THR B 141 -15.12 -15.13 23.32
N LEU B 142 -14.95 -15.71 22.14
CA LEU B 142 -14.08 -16.86 21.94
C LEU B 142 -12.96 -16.40 21.03
N GLY B 143 -11.94 -17.24 20.86
CA GLY B 143 -10.84 -16.87 19.97
C GLY B 143 -10.04 -18.03 19.42
N CYS B 144 -9.10 -17.71 18.53
CA CYS B 144 -8.12 -18.66 18.05
C CYS B 144 -6.77 -17.97 17.99
N LEU B 145 -5.75 -18.66 18.48
CA LEU B 145 -4.38 -18.18 18.42
C LEU B 145 -3.63 -18.95 17.32
N VAL B 146 -3.19 -18.22 16.31
CA VAL B 146 -2.43 -18.80 15.20
C VAL B 146 -0.96 -18.45 15.35
N LYS B 147 -0.14 -19.45 15.62
CA LYS B 147 1.23 -19.23 16.05
C LYS B 147 2.25 -20.01 15.24
N GLY B 148 3.42 -19.42 15.02
CA GLY B 148 4.55 -20.12 14.45
C GLY B 148 4.43 -20.50 12.99
N TYR B 149 4.02 -19.54 12.14
CA TYR B 149 3.93 -19.81 10.70
C TYR B 149 4.74 -18.84 9.87
N PHE B 150 5.00 -19.24 8.63
CA PHE B 150 5.71 -18.39 7.67
C PHE B 150 5.56 -18.99 6.27
N PRO B 151 5.37 -18.14 5.26
CA PRO B 151 5.24 -16.68 5.36
C PRO B 151 3.79 -16.26 5.52
N GLU B 152 3.55 -14.95 5.48
CA GLU B 152 2.20 -14.44 5.33
C GLU B 152 1.74 -14.77 3.92
N PRO B 153 0.42 -14.78 3.69
CA PRO B 153 -0.63 -14.49 4.67
C PRO B 153 -1.32 -15.76 5.16
N VAL B 154 -2.17 -15.60 6.18
CA VAL B 154 -3.16 -16.62 6.51
C VAL B 154 -4.53 -15.98 6.43
N THR B 155 -5.54 -16.79 6.08
CA THR B 155 -6.90 -16.32 6.00
C THR B 155 -7.70 -16.95 7.12
N LEU B 156 -8.26 -16.12 7.99
CA LEU B 156 -9.04 -16.63 9.12
C LEU B 156 -10.51 -16.34 8.97
N THR B 157 -11.30 -17.41 8.97
CA THR B 157 -12.76 -17.29 8.96
C THR B 157 -13.32 -17.95 10.21
N TRP B 158 -14.60 -17.73 10.49
CA TRP B 158 -15.28 -18.45 11.56
C TRP B 158 -16.48 -19.19 10.97
N ASN B 159 -16.62 -20.45 11.33
CA ASN B 159 -17.64 -21.32 10.73
C ASN B 159 -17.62 -21.18 9.22
N SER B 160 -16.41 -21.22 8.66
CA SER B 160 -16.21 -21.16 7.21
C SER B 160 -16.84 -19.94 6.58
N GLY B 161 -16.90 -18.84 7.33
CA GLY B 161 -17.34 -17.56 6.78
C GLY B 161 -18.74 -17.16 7.16
N SER B 162 -19.55 -18.11 7.62
CA SER B 162 -20.94 -17.81 7.96
C SER B 162 -21.04 -17.00 9.25
N LEU B 163 -19.92 -16.82 9.94
CA LEU B 163 -19.87 -15.98 11.12
C LEU B 163 -18.90 -14.83 10.87
N SER B 164 -19.44 -13.63 10.66
CA SER B 164 -18.63 -12.49 10.26
C SER B 164 -18.75 -11.28 11.20
N SER B 165 -19.95 -11.06 11.72
CA SER B 165 -20.17 -9.95 12.65
C SER B 165 -19.51 -10.25 13.99
N GLY B 166 -18.97 -9.22 14.62
CA GLY B 166 -18.33 -9.36 15.92
C GLY B 166 -16.96 -10.02 15.84
N VAL B 167 -16.36 -10.01 14.66
CA VAL B 167 -15.04 -10.61 14.46
C VAL B 167 -13.94 -9.55 14.44
N HIS B 168 -12.88 -9.80 15.20
CA HIS B 168 -11.68 -8.98 15.17
C HIS B 168 -10.46 -9.84 14.90
N THR B 169 -9.97 -9.80 13.67
CA THR B 169 -8.76 -10.53 13.31
C THR B 169 -7.59 -9.55 13.28
N PHE B 170 -6.59 -9.82 14.10
CA PHE B 170 -5.51 -8.88 14.31
C PHE B 170 -4.31 -9.12 13.40
N PRO B 171 -3.64 -8.04 12.97
CA PRO B 171 -2.45 -8.15 12.13
C PRO B 171 -1.38 -9.05 12.75
N ALA B 172 -0.79 -9.91 11.94
CA ALA B 172 0.24 -10.82 12.41
C ALA B 172 1.48 -10.04 12.85
N VAL B 173 2.21 -10.61 13.81
CA VAL B 173 3.46 -10.03 14.27
C VAL B 173 4.58 -11.05 14.09
N LEU B 174 5.67 -10.62 13.47
CA LEU B 174 6.81 -11.50 13.21
C LEU B 174 7.76 -11.51 14.40
N GLN B 175 7.99 -12.70 14.96
CA GLN B 175 9.00 -12.88 15.99
C GLN B 175 9.86 -14.09 15.68
N SER B 176 11.13 -13.86 15.37
CA SER B 176 12.07 -14.93 15.11
C SER B 176 11.66 -15.78 13.91
N ASP B 177 11.51 -15.14 12.76
CA ASP B 177 11.23 -15.85 11.52
C ASP B 177 9.84 -16.50 11.49
N LEU B 178 9.00 -16.17 12.46
CA LEU B 178 7.67 -16.77 12.55
C LEU B 178 6.60 -15.74 12.91
N TYR B 179 5.44 -15.86 12.28
CA TYR B 179 4.33 -14.95 12.53
C TYR B 179 3.37 -15.51 13.57
N THR B 180 2.73 -14.60 14.30
CA THR B 180 1.64 -14.96 15.19
C THR B 180 0.54 -13.91 15.09
N LEU B 181 -0.69 -14.37 14.88
CA LEU B 181 -1.84 -13.48 14.93
C LEU B 181 -2.91 -14.14 15.77
N SER B 182 -3.97 -13.41 16.08
CA SER B 182 -5.07 -13.96 16.84
C SER B 182 -6.37 -13.45 16.26
N SER B 183 -7.47 -14.12 16.59
CA SER B 183 -8.77 -13.68 16.13
C SER B 183 -9.82 -13.94 17.20
N SER B 184 -10.71 -12.98 17.38
CA SER B 184 -11.78 -13.13 18.35
C SER B 184 -13.12 -13.06 17.63
N VAL B 185 -14.12 -13.74 18.18
CA VAL B 185 -15.48 -13.62 17.69
C VAL B 185 -16.40 -13.52 18.88
N THR B 186 -17.36 -12.61 18.83
CA THR B 186 -18.27 -12.43 19.94
C THR B 186 -19.69 -12.81 19.52
N VAL B 187 -20.25 -13.80 20.20
CA VAL B 187 -21.57 -14.30 19.86
C VAL B 187 -22.48 -14.24 21.08
N THR B 188 -23.77 -14.46 20.87
CA THR B 188 -24.73 -14.44 21.96
C THR B 188 -24.48 -15.64 22.87
N SER B 189 -24.48 -15.39 24.17
CA SER B 189 -24.11 -16.40 25.17
C SER B 189 -25.10 -17.56 25.21
N SER B 190 -26.37 -17.29 24.93
CA SER B 190 -27.42 -18.29 25.04
C SER B 190 -27.28 -19.39 23.98
N THR B 191 -26.62 -19.08 22.87
CA THR B 191 -26.53 -20.01 21.76
C THR B 191 -25.12 -20.56 21.55
N TRP B 192 -24.25 -20.34 22.53
CA TRP B 192 -22.99 -21.07 22.61
C TRP B 192 -22.91 -21.73 23.98
N PRO B 193 -22.44 -22.99 24.04
CA PRO B 193 -21.89 -23.79 22.95
C PRO B 193 -22.90 -24.64 22.18
N SER B 194 -24.19 -24.41 22.37
CA SER B 194 -25.20 -25.20 21.66
C SER B 194 -25.02 -25.10 20.15
N GLN B 195 -24.79 -23.89 19.66
CA GLN B 195 -24.50 -23.69 18.24
C GLN B 195 -23.00 -23.49 18.06
N THR B 196 -22.35 -24.52 17.51
CA THR B 196 -20.91 -24.62 17.55
C THR B 196 -20.22 -23.49 16.82
N ILE B 197 -19.01 -23.17 17.26
CA ILE B 197 -18.21 -22.12 16.65
C ILE B 197 -16.82 -22.67 16.35
N THR B 198 -16.38 -22.48 15.11
CA THR B 198 -15.15 -23.08 14.62
C THR B 198 -14.33 -22.07 13.85
N CYS B 199 -13.03 -22.00 14.15
CA CYS B 199 -12.15 -21.11 13.39
C CYS B 199 -11.38 -21.90 12.33
N ASN B 200 -11.37 -21.37 11.12
CA ASN B 200 -10.64 -21.99 10.02
C ASN B 200 -9.48 -21.11 9.64
N VAL B 201 -8.29 -21.69 9.58
CA VAL B 201 -7.08 -20.95 9.30
C VAL B 201 -6.39 -21.56 8.08
N ALA B 202 -6.51 -20.88 6.95
CA ALA B 202 -5.87 -21.34 5.72
C ALA B 202 -4.51 -20.69 5.55
N HIS B 203 -3.52 -21.48 5.16
CA HIS B 203 -2.17 -21.00 4.91
C HIS B 203 -1.73 -21.54 3.55
N PRO B 204 -2.02 -20.78 2.48
CA PRO B 204 -1.77 -21.30 1.13
C PRO B 204 -0.30 -21.66 0.88
N ALA B 205 0.62 -20.90 1.45
CA ALA B 205 2.05 -21.16 1.25
C ALA B 205 2.42 -22.60 1.61
N SER B 206 1.86 -23.10 2.71
CA SER B 206 2.12 -24.47 3.15
C SER B 206 1.01 -25.42 2.70
N SER B 207 0.10 -24.93 1.87
CA SER B 207 -1.00 -25.74 1.37
C SER B 207 -1.74 -26.40 2.53
N THR B 208 -2.02 -25.61 3.56
CA THR B 208 -2.59 -26.13 4.79
C THR B 208 -3.79 -25.31 5.26
N LYS B 209 -4.83 -26.00 5.73
CA LYS B 209 -5.91 -25.34 6.45
C LYS B 209 -6.20 -26.14 7.71
N VAL B 210 -6.49 -25.45 8.80
CA VAL B 210 -6.79 -26.11 10.06
C VAL B 210 -8.09 -25.59 10.65
N ASP B 211 -8.98 -26.51 11.00
CA ASP B 211 -10.25 -26.15 11.62
C ASP B 211 -10.24 -26.59 13.07
N LYS B 212 -10.55 -25.63 13.95
CA LYS B 212 -10.54 -25.88 15.38
C LYS B 212 -11.86 -25.40 15.96
N LYS B 213 -12.70 -26.34 16.37
CA LYS B 213 -13.95 -26.00 17.04
C LYS B 213 -13.63 -25.55 18.47
N ILE B 214 -14.27 -24.47 18.91
CA ILE B 214 -14.05 -23.98 20.26
C ILE B 214 -14.98 -24.71 21.22
N VAL B 215 -14.39 -25.47 22.13
CA VAL B 215 -15.15 -26.27 23.09
C VAL B 215 -14.96 -25.71 24.50
N PRO B 216 -16.03 -25.71 25.30
CA PRO B 216 -15.90 -25.22 26.68
C PRO B 216 -14.83 -25.99 27.45
N ARG B 217 -13.99 -25.29 28.18
CA ARG B 217 -12.91 -25.91 28.94
C ARG B 217 -13.48 -26.87 29.98
N ASP C 1 14.60 13.81 -8.80
CA ASP C 1 13.14 13.61 -9.06
C ASP C 1 12.32 14.63 -8.30
N ILE C 2 11.04 14.75 -8.67
CA ILE C 2 10.12 15.63 -7.97
C ILE C 2 9.80 15.05 -6.60
N VAL C 3 9.65 15.92 -5.61
CA VAL C 3 9.38 15.50 -4.25
C VAL C 3 8.03 16.04 -3.79
N MET C 4 7.18 15.15 -3.32
CA MET C 4 5.86 15.52 -2.83
C MET C 4 5.84 15.43 -1.32
N SER C 5 5.56 16.55 -0.67
CA SER C 5 5.56 16.62 0.79
C SER C 5 4.15 16.89 1.31
N GLN C 6 3.67 16.03 2.20
CA GLN C 6 2.33 16.19 2.74
C GLN C 6 2.35 16.46 4.24
N SER C 7 1.52 17.41 4.66
CA SER C 7 1.32 17.67 6.08
C SER C 7 -0.15 18.00 6.34
N PRO C 8 -0.65 17.62 7.52
CA PRO C 8 0.14 16.93 8.54
C PRO C 8 0.38 15.48 8.17
N SER C 9 1.24 14.79 8.92
CA SER C 9 1.47 13.37 8.69
C SER C 9 0.26 12.57 9.12
N SER C 10 -0.45 13.10 10.12
CA SER C 10 -1.67 12.46 10.60
C SER C 10 -2.54 13.47 11.32
N LEU C 11 -3.85 13.25 11.31
CA LEU C 11 -4.76 14.10 12.07
C LEU C 11 -6.04 13.37 12.45
N ALA C 12 -6.73 13.87 13.47
CA ALA C 12 -8.00 13.30 13.90
C ALA C 12 -9.10 14.33 13.77
N VAL C 13 -10.24 13.91 13.21
CA VAL C 13 -11.34 14.82 12.96
C VAL C 13 -12.67 14.12 13.20
N SER C 14 -13.66 14.88 13.67
CA SER C 14 -14.96 14.33 14.03
C SER C 14 -15.86 14.20 12.80
N VAL C 15 -16.84 13.31 12.88
CA VAL C 15 -17.84 13.18 11.83
C VAL C 15 -18.67 14.45 11.77
N GLY C 16 -18.64 15.12 10.62
CA GLY C 16 -19.36 16.37 10.45
C GLY C 16 -18.43 17.57 10.47
N GLU C 17 -17.19 17.35 10.87
CA GLU C 17 -16.20 18.42 10.94
C GLU C 17 -15.46 18.55 9.62
N LYS C 18 -14.88 19.73 9.38
CA LYS C 18 -14.16 20.00 8.14
C LYS C 18 -12.66 19.85 8.38
N VAL C 19 -11.94 19.47 7.32
CA VAL C 19 -10.52 19.18 7.44
C VAL C 19 -9.78 19.54 6.15
N THR C 20 -8.54 20.03 6.30
CA THR C 20 -7.76 20.47 5.14
C THR C 20 -6.36 19.83 5.16
N LEU C 21 -6.02 19.18 4.05
CA LEU C 21 -4.73 18.48 3.95
C LEU C 21 -3.88 19.12 2.85
N SER C 22 -2.57 19.16 3.08
CA SER C 22 -1.68 19.89 2.18
C SER C 22 -0.72 18.98 1.41
N CYS C 23 -0.33 19.44 0.22
CA CYS C 23 0.62 18.75 -0.63
C CYS C 23 1.42 19.78 -1.43
N LYS C 24 2.70 19.92 -1.09
CA LYS C 24 3.58 20.85 -1.78
C LYS C 24 4.54 20.11 -2.71
N SER C 25 4.77 20.68 -3.89
CA SER C 25 5.70 20.09 -4.85
C SER C 25 7.03 20.82 -4.82
N SER C 26 8.11 20.10 -5.07
CA SER C 26 9.44 20.70 -5.09
C SER C 26 9.63 21.57 -6.33
N GLN C 27 8.71 21.45 -7.29
CA GLN C 27 8.69 22.30 -8.46
C GLN C 27 7.27 22.37 -9.00
N SER C 28 6.97 23.41 -9.77
CA SER C 28 5.63 23.61 -10.29
C SER C 28 5.13 22.40 -11.07
N LEU C 29 3.85 22.10 -10.93
CA LEU C 29 3.21 21.02 -11.67
C LEU C 29 2.29 21.58 -12.73
N LEU C 30 2.45 22.87 -13.01
CA LEU C 30 1.55 23.58 -13.91
C LEU C 30 2.06 23.57 -15.35
N TYR C 31 1.23 23.05 -16.25
CA TYR C 31 1.47 23.20 -17.69
C TYR C 31 0.84 24.51 -18.14
N SER C 32 1.67 25.47 -18.54
CA SER C 32 1.16 26.76 -18.98
C SER C 32 0.37 26.64 -20.27
N SER C 33 0.62 25.56 -21.02
CA SER C 33 -0.05 25.35 -22.30
C SER C 33 -1.56 25.24 -22.17
N ASN C 34 -2.02 24.59 -21.11
CA ASN C 34 -3.45 24.42 -20.88
C ASN C 34 -3.86 24.75 -19.45
N GLN C 35 -2.94 25.37 -18.71
CA GLN C 35 -3.19 25.73 -17.32
C GLN C 35 -3.72 24.54 -16.53
N LYS C 36 -3.13 23.37 -16.77
CA LYS C 36 -3.50 22.16 -16.03
C LYS C 36 -2.41 21.81 -15.02
N ASN C 37 -2.79 21.70 -13.76
CA ASN C 37 -1.87 21.21 -12.74
C ASN C 37 -1.89 19.69 -12.73
N HIS C 38 -0.75 19.07 -13.00
CA HIS C 38 -0.67 17.62 -13.07
C HIS C 38 -0.56 17.02 -11.67
N LEU C 39 -1.68 17.02 -10.95
CA LEU C 39 -1.71 16.50 -9.59
C LEU C 39 -3.01 15.77 -9.28
N ALA C 40 -2.91 14.69 -8.51
CA ALA C 40 -4.05 13.85 -8.20
C ALA C 40 -4.04 13.47 -6.71
N TRP C 41 -5.24 13.24 -6.18
CA TRP C 41 -5.39 12.77 -4.80
C TRP C 41 -5.97 11.36 -4.80
N TYR C 42 -5.54 10.54 -3.84
CA TYR C 42 -6.03 9.18 -3.71
C TYR C 42 -6.40 8.88 -2.27
N GLN C 43 -7.39 8.02 -2.10
CA GLN C 43 -7.80 7.52 -0.79
C GLN C 43 -7.54 6.03 -0.71
N GLN C 44 -6.73 5.61 0.25
CA GLN C 44 -6.50 4.19 0.48
C GLN C 44 -7.02 3.79 1.84
N LYS C 45 -8.18 3.15 1.84
CA LYS C 45 -8.75 2.59 3.07
C LYS C 45 -7.90 1.41 3.49
N PRO C 46 -7.91 1.10 4.80
CA PRO C 46 -7.08 0.01 5.34
C PRO C 46 -7.33 -1.31 4.64
N GLY C 47 -6.25 -1.96 4.19
CA GLY C 47 -6.35 -3.28 3.59
C GLY C 47 -6.95 -3.27 2.19
N GLN C 48 -6.99 -2.10 1.57
CA GLN C 48 -7.54 -1.97 0.22
C GLN C 48 -6.60 -1.21 -0.70
N SER C 49 -6.82 -1.34 -2.00
CA SER C 49 -6.03 -0.61 -2.99
C SER C 49 -6.44 0.85 -2.98
N PRO C 50 -5.53 1.73 -3.43
CA PRO C 50 -5.85 3.16 -3.50
C PRO C 50 -7.02 3.45 -4.44
N LYS C 51 -7.75 4.53 -4.17
CA LYS C 51 -8.87 4.94 -5.01
C LYS C 51 -8.70 6.41 -5.40
N LEU C 52 -8.90 6.70 -6.68
CA LEU C 52 -8.72 8.05 -7.19
C LEU C 52 -9.90 8.94 -6.81
N LEU C 53 -9.60 10.08 -6.19
CA LEU C 53 -10.63 11.02 -5.78
C LEU C 53 -10.67 12.22 -6.71
N ILE C 54 -9.50 12.80 -6.98
CA ILE C 54 -9.40 14.00 -7.79
C ILE C 54 -8.19 13.95 -8.70
N TYR C 55 -8.30 14.62 -9.86
CA TYR C 55 -7.18 14.75 -10.77
C TYR C 55 -7.15 16.18 -11.31
N TRP C 56 -6.00 16.59 -11.83
CA TRP C 56 -5.80 17.96 -12.27
C TRP C 56 -6.10 18.91 -11.11
N ALA C 57 -5.81 18.45 -9.90
CA ALA C 57 -5.89 19.27 -8.69
C ALA C 57 -7.33 19.55 -8.22
N SER C 58 -8.21 19.91 -9.14
CA SER C 58 -9.55 20.37 -8.75
C SER C 58 -10.69 19.52 -9.31
N THR C 59 -10.38 18.62 -10.24
CA THR C 59 -11.43 17.85 -10.92
C THR C 59 -11.74 16.54 -10.20
N ARG C 60 -12.99 16.42 -9.74
CA ARG C 60 -13.44 15.21 -9.05
C ARG C 60 -13.64 14.05 -10.03
N GLU C 61 -13.13 12.89 -9.64
CA GLU C 61 -13.36 11.66 -10.41
C GLU C 61 -14.82 11.25 -10.26
N SER C 62 -15.33 10.53 -11.26
CA SER C 62 -16.71 10.07 -11.24
C SER C 62 -16.96 9.18 -10.02
N GLY C 63 -18.11 9.37 -9.39
CA GLY C 63 -18.50 8.54 -8.26
C GLY C 63 -18.10 9.11 -6.91
N VAL C 64 -17.24 10.12 -6.92
CA VAL C 64 -16.76 10.72 -5.69
C VAL C 64 -17.72 11.80 -5.19
N PRO C 65 -18.19 11.65 -3.93
CA PRO C 65 -19.10 12.66 -3.36
C PRO C 65 -18.46 14.05 -3.33
N ASP C 66 -19.27 15.08 -3.56
CA ASP C 66 -18.77 16.44 -3.71
C ASP C 66 -18.20 17.05 -2.43
N ARG C 67 -18.31 16.34 -1.31
CA ARG C 67 -17.73 16.83 -0.06
C ARG C 67 -16.21 16.76 -0.12
N PHE C 68 -15.69 16.07 -1.13
CA PHE C 68 -14.25 16.09 -1.41
C PHE C 68 -13.97 17.13 -2.48
N THR C 69 -13.13 18.11 -2.15
CA THR C 69 -12.81 19.18 -3.09
C THR C 69 -11.31 19.41 -3.18
N GLY C 70 -10.82 19.53 -4.41
CA GLY C 70 -9.41 19.79 -4.64
C GLY C 70 -9.18 21.24 -5.01
N SER C 71 -8.11 21.83 -4.48
CA SER C 71 -7.81 23.24 -4.69
C SER C 71 -6.31 23.45 -4.78
N GLY C 72 -5.90 24.53 -5.42
CA GLY C 72 -4.49 24.90 -5.45
C GLY C 72 -3.92 24.95 -6.84
N SER C 73 -2.71 25.49 -6.96
CA SER C 73 -2.00 25.54 -8.22
C SER C 73 -0.51 25.67 -7.98
N GLY C 74 0.26 25.68 -9.07
CA GLY C 74 1.71 25.79 -8.98
C GLY C 74 2.30 24.64 -8.18
N THR C 75 2.68 24.92 -6.94
CA THR C 75 3.30 23.92 -6.08
C THR C 75 2.56 23.74 -4.75
N ASP C 76 1.49 24.50 -4.55
CA ASP C 76 0.76 24.45 -3.29
C ASP C 76 -0.66 23.93 -3.50
N PHE C 77 -0.91 22.72 -3.03
CA PHE C 77 -2.20 22.08 -3.22
C PHE C 77 -2.83 21.70 -1.89
N THR C 78 -4.15 21.53 -1.89
CA THR C 78 -4.87 21.11 -0.70
C THR C 78 -6.11 20.31 -1.07
N LEU C 79 -6.40 19.29 -0.29
CA LEU C 79 -7.64 18.54 -0.41
C LEU C 79 -8.48 18.75 0.84
N THR C 80 -9.66 19.33 0.66
CA THR C 80 -10.56 19.58 1.77
C THR C 80 -11.71 18.58 1.80
N ILE C 81 -11.97 18.05 2.99
CA ILE C 81 -13.14 17.22 3.23
C ILE C 81 -14.02 17.93 4.26
N ASN C 82 -15.23 18.29 3.85
CA ASN C 82 -16.17 18.91 4.77
C ASN C 82 -17.33 17.97 5.06
N SER C 83 -17.76 17.92 6.31
CA SER C 83 -18.69 16.91 6.78
C SER C 83 -18.06 15.54 6.60
N VAL C 84 -16.92 15.34 7.25
CA VAL C 84 -16.20 14.09 7.19
C VAL C 84 -17.10 12.94 7.63
N LYS C 85 -17.09 11.85 6.88
CA LYS C 85 -17.89 10.67 7.22
C LYS C 85 -17.04 9.63 7.94
N ALA C 86 -17.71 8.68 8.58
CA ALA C 86 -17.02 7.64 9.36
C ALA C 86 -16.23 6.71 8.46
N GLU C 87 -16.72 6.50 7.24
CA GLU C 87 -16.07 5.59 6.30
C GLU C 87 -14.92 6.26 5.55
N ASP C 88 -14.64 7.52 5.89
CA ASP C 88 -13.59 8.26 5.19
C ASP C 88 -12.21 8.05 5.80
N LEU C 89 -12.13 7.29 6.90
CA LEU C 89 -10.84 6.95 7.47
C LEU C 89 -10.00 6.29 6.39
N ALA C 90 -8.76 6.73 6.25
CA ALA C 90 -7.87 6.24 5.21
C ALA C 90 -6.59 7.04 5.19
N VAL C 91 -5.65 6.63 4.34
CA VAL C 91 -4.46 7.41 4.09
C VAL C 91 -4.61 8.11 2.76
N TYR C 92 -4.53 9.43 2.76
CA TYR C 92 -4.67 10.19 1.52
C TYR C 92 -3.32 10.58 0.96
N TYR C 93 -3.10 10.23 -0.32
CA TYR C 93 -1.83 10.51 -0.98
C TYR C 93 -2.02 11.54 -2.08
N CYS C 94 -1.00 12.35 -2.35
CA CYS C 94 -0.99 13.17 -3.54
C CYS C 94 0.05 12.61 -4.51
N GLN C 95 -0.17 12.84 -5.80
CA GLN C 95 0.73 12.31 -6.82
C GLN C 95 0.87 13.30 -7.97
N HIS C 96 2.08 13.45 -8.48
CA HIS C 96 2.30 14.26 -9.66
C HIS C 96 2.45 13.38 -10.89
N PHE C 97 2.05 13.91 -12.04
CA PHE C 97 2.31 13.26 -13.32
C PHE C 97 2.83 14.30 -14.32
N TYR C 98 3.47 15.33 -13.79
CA TYR C 98 4.13 16.37 -14.56
C TYR C 98 5.21 15.79 -15.48
N ILE C 99 5.86 14.71 -15.02
CA ILE C 99 7.00 14.15 -15.74
C ILE C 99 7.36 12.79 -15.17
N TYR C 100 7.96 11.93 -15.99
CA TYR C 100 8.49 10.67 -15.50
C TYR C 100 9.75 10.96 -14.68
N PRO C 101 9.90 10.30 -13.52
CA PRO C 101 8.95 9.32 -12.95
C PRO C 101 7.89 9.96 -12.06
N TYR C 102 6.70 9.39 -12.05
CA TYR C 102 5.66 9.82 -11.12
C TYR C 102 6.12 9.53 -9.69
N THR C 103 5.88 10.48 -8.80
CA THR C 103 6.19 10.26 -7.38
C THR C 103 5.00 10.66 -6.50
N PHE C 104 4.85 9.96 -5.39
CA PHE C 104 3.75 10.20 -4.46
C PHE C 104 4.24 10.90 -3.20
N GLY C 105 3.35 11.63 -2.55
CA GLY C 105 3.64 12.21 -1.26
C GLY C 105 3.71 11.12 -0.20
N GLY C 106 4.20 11.47 0.99
CA GLY C 106 4.32 10.52 2.07
C GLY C 106 2.96 10.05 2.58
N GLY C 107 1.92 10.79 2.23
CA GLY C 107 0.58 10.45 2.64
C GLY C 107 0.19 11.14 3.94
N THR C 108 -1.11 11.20 4.21
CA THR C 108 -1.61 11.70 5.48
C THR C 108 -2.66 10.76 6.06
N LYS C 109 -2.37 10.22 7.24
CA LYS C 109 -3.30 9.31 7.91
C LYS C 109 -4.46 10.08 8.51
N LEU C 110 -5.67 9.78 8.02
CA LEU C 110 -6.88 10.39 8.54
C LEU C 110 -7.58 9.48 9.52
N GLU C 111 -7.42 9.77 10.81
CA GLU C 111 -8.12 9.04 11.86
C GLU C 111 -9.49 9.67 12.12
N ILE C 112 -10.46 8.84 12.47
CA ILE C 112 -11.79 9.33 12.79
C ILE C 112 -11.97 9.51 14.30
N LYS C 113 -12.67 10.57 14.67
CA LYS C 113 -12.86 10.93 16.06
C LYS C 113 -14.31 10.70 16.47
N ARG C 114 -14.52 9.78 17.41
CA ARG C 114 -15.86 9.46 17.88
C ARG C 114 -15.97 9.61 19.39
N ALA C 115 -17.15 9.26 19.91
CA ALA C 115 -17.36 9.26 21.36
C ALA C 115 -16.42 8.26 22.01
N ASP C 116 -15.89 8.61 23.17
CA ASP C 116 -14.99 7.71 23.88
C ASP C 116 -15.70 6.40 24.20
N ALA C 117 -14.92 5.34 24.33
CA ALA C 117 -15.48 4.02 24.55
C ALA C 117 -14.48 3.13 25.28
N ALA C 118 -14.85 2.65 26.45
CA ALA C 118 -13.99 1.77 27.22
C ALA C 118 -13.97 0.38 26.59
N PRO C 119 -12.81 -0.30 26.65
CA PRO C 119 -12.64 -1.60 25.98
C PRO C 119 -13.34 -2.73 26.70
N THR C 120 -13.80 -3.72 25.94
CA THR C 120 -14.30 -4.97 26.49
C THR C 120 -13.13 -5.93 26.59
N VAL C 121 -12.73 -6.26 27.82
CA VAL C 121 -11.53 -7.06 28.04
C VAL C 121 -11.88 -8.52 28.33
N SER C 122 -11.17 -9.42 27.65
CA SER C 122 -11.38 -10.85 27.79
C SER C 122 -10.03 -11.54 27.92
N ILE C 123 -9.90 -12.43 28.90
CA ILE C 123 -8.64 -13.15 29.10
C ILE C 123 -8.83 -14.65 28.83
N PHE C 124 -7.78 -15.29 28.34
CA PHE C 124 -7.85 -16.70 27.96
C PHE C 124 -6.57 -17.42 28.38
N PRO C 125 -6.72 -18.54 29.11
CA PRO C 125 -5.55 -19.32 29.49
C PRO C 125 -5.04 -20.14 28.31
N PRO C 126 -3.83 -20.70 28.43
CA PRO C 126 -3.29 -21.56 27.37
C PRO C 126 -4.20 -22.74 27.10
N SER C 127 -4.30 -23.14 25.83
CA SER C 127 -5.03 -24.34 25.46
C SER C 127 -4.20 -25.57 25.79
N SER C 128 -4.85 -26.71 25.91
CA SER C 128 -4.16 -27.96 26.23
C SER C 128 -3.17 -28.33 25.13
N GLU C 129 -3.53 -28.04 23.88
CA GLU C 129 -2.70 -28.40 22.73
C GLU C 129 -1.36 -27.68 22.78
N GLN C 130 -1.37 -26.39 23.09
CA GLN C 130 -0.13 -25.63 23.16
C GLN C 130 0.75 -26.13 24.30
N LEU C 131 0.13 -26.35 25.46
CA LEU C 131 0.86 -26.84 26.62
C LEU C 131 1.59 -28.13 26.27
N THR C 132 0.93 -29.01 25.53
CA THR C 132 1.55 -30.28 25.13
C THR C 132 2.82 -30.08 24.30
N SER C 133 2.89 -28.96 23.56
CA SER C 133 4.09 -28.67 22.77
C SER C 133 5.10 -27.83 23.56
N GLY C 134 4.79 -27.58 24.83
CA GLY C 134 5.71 -26.88 25.71
C GLY C 134 5.48 -25.37 25.77
N GLY C 135 4.45 -24.90 25.08
CA GLY C 135 4.13 -23.48 25.06
C GLY C 135 2.98 -23.14 25.99
N ALA C 136 2.89 -21.87 26.36
CA ALA C 136 1.83 -21.42 27.25
C ALA C 136 1.52 -19.94 27.03
N SER C 137 0.72 -19.65 26.00
CA SER C 137 0.33 -18.29 25.71
C SER C 137 -0.95 -17.93 26.45
N VAL C 138 -0.93 -16.78 27.11
CA VAL C 138 -2.10 -16.23 27.75
C VAL C 138 -2.55 -15.05 26.90
N VAL C 139 -3.79 -15.10 26.42
CA VAL C 139 -4.25 -14.09 25.47
C VAL C 139 -5.26 -13.14 26.09
N CYS C 140 -5.21 -11.89 25.67
CA CYS C 140 -6.09 -10.86 26.20
C CYS C 140 -6.62 -9.99 25.07
N PHE C 141 -7.92 -10.02 24.83
CA PHE C 141 -8.52 -9.15 23.83
C PHE C 141 -9.07 -7.90 24.49
N LEU C 142 -8.77 -6.75 23.89
CA LEU C 142 -9.33 -5.48 24.34
C LEU C 142 -10.05 -4.88 23.16
N ASN C 143 -11.38 -4.99 23.15
CA ASN C 143 -12.14 -4.71 21.95
C ASN C 143 -12.98 -3.45 21.98
N ASN C 144 -13.19 -2.90 20.80
CA ASN C 144 -13.99 -1.69 20.60
C ASN C 144 -13.81 -0.58 21.65
N PHE C 145 -12.62 0.02 21.67
CA PHE C 145 -12.39 1.25 22.43
C PHE C 145 -12.14 2.41 21.45
N ALA C 146 -12.35 3.64 21.90
CA ALA C 146 -12.53 4.76 20.97
C ALA C 146 -11.27 5.60 20.70
N PRO C 147 -10.56 6.04 21.74
CA PRO C 147 -9.23 6.60 21.50
C PRO C 147 -8.19 5.48 21.45
N LYS C 148 -7.31 5.51 20.45
CA LYS C 148 -6.39 4.41 20.24
C LYS C 148 -5.41 4.21 21.40
N ASP C 149 -4.98 5.31 22.02
CA ASP C 149 -4.03 5.23 23.12
C ASP C 149 -4.54 4.32 24.23
N ILE C 150 -3.76 3.29 24.55
CA ILE C 150 -4.12 2.36 25.61
C ILE C 150 -2.90 1.54 26.04
N ASN C 151 -2.81 1.27 27.34
CA ASN C 151 -1.71 0.49 27.88
C ASN C 151 -2.20 -0.83 28.46
N VAL C 152 -1.49 -1.91 28.14
CA VAL C 152 -1.80 -3.23 28.71
C VAL C 152 -0.63 -3.70 29.58
N LYS C 153 -0.94 -4.12 30.80
CA LYS C 153 0.08 -4.55 31.75
C LYS C 153 -0.19 -5.97 32.23
N TRP C 154 0.77 -6.86 32.03
CA TRP C 154 0.63 -8.24 32.48
C TRP C 154 1.24 -8.45 33.85
N LYS C 155 0.45 -9.04 34.75
CA LYS C 155 0.95 -9.46 36.05
C LYS C 155 0.87 -10.97 36.21
N ILE C 156 1.94 -11.54 36.76
CA ILE C 156 1.97 -12.95 37.14
C ILE C 156 2.15 -13.02 38.65
N ASP C 157 1.20 -13.66 39.34
CA ASP C 157 1.19 -13.64 40.79
C ASP C 157 1.34 -12.19 41.28
N GLY C 158 0.81 -11.26 40.49
CA GLY C 158 0.78 -9.86 40.87
C GLY C 158 2.03 -9.05 40.56
N SER C 159 2.98 -9.66 39.85
CA SER C 159 4.20 -8.97 39.47
C SER C 159 4.21 -8.66 37.98
N GLU C 160 4.45 -7.39 37.63
CA GLU C 160 4.44 -6.99 36.23
C GLU C 160 5.43 -7.82 35.42
N ARG C 161 5.02 -8.18 34.21
CA ARG C 161 5.84 -8.96 33.30
C ARG C 161 5.83 -8.30 31.92
N GLN C 162 6.99 -7.86 31.47
CA GLN C 162 7.09 -7.14 30.21
C GLN C 162 7.70 -8.00 29.10
N ASN C 163 8.56 -8.94 29.48
CA ASN C 163 9.16 -9.84 28.51
C ASN C 163 8.17 -10.90 28.04
N GLY C 164 8.15 -11.13 26.73
CA GLY C 164 7.29 -12.15 26.15
C GLY C 164 5.91 -11.63 25.78
N VAL C 165 5.74 -10.31 25.85
CA VAL C 165 4.47 -9.68 25.49
C VAL C 165 4.51 -9.16 24.06
N LEU C 166 3.53 -9.56 23.27
CA LEU C 166 3.40 -9.07 21.90
C LEU C 166 2.01 -8.48 21.67
N ASN C 167 1.97 -7.28 21.14
CA ASN C 167 0.71 -6.57 20.96
C ASN C 167 0.41 -6.28 19.49
N SER C 168 -0.88 -6.21 19.16
CA SER C 168 -1.30 -5.90 17.80
C SER C 168 -2.64 -5.18 17.78
N TRP C 169 -2.72 -4.07 17.07
CA TRP C 169 -3.96 -3.32 16.95
C TRP C 169 -4.62 -3.58 15.60
N THR C 170 -5.93 -3.72 15.59
CA THR C 170 -6.67 -3.70 14.34
C THR C 170 -6.69 -2.26 13.86
N ASP C 171 -7.02 -2.06 12.59
CA ASP C 171 -7.24 -0.71 12.08
C ASP C 171 -8.56 -0.20 12.63
N GLN C 172 -8.73 1.11 12.67
CA GLN C 172 -9.97 1.70 13.12
C GLN C 172 -11.14 1.13 12.34
N ASP C 173 -12.19 0.73 13.05
CA ASP C 173 -13.37 0.15 12.42
C ASP C 173 -14.07 1.23 11.59
N SER C 174 -14.58 0.83 10.43
CA SER C 174 -15.16 1.78 9.47
C SER C 174 -16.47 2.35 9.99
N LYS C 175 -17.27 1.50 10.64
CA LYS C 175 -18.58 1.91 11.12
C LYS C 175 -18.52 2.62 12.47
N ASP C 176 -18.19 1.90 13.52
CA ASP C 176 -18.23 2.44 14.87
C ASP C 176 -16.98 3.22 15.25
N SER C 177 -15.99 3.26 14.36
CA SER C 177 -14.81 4.09 14.54
C SER C 177 -14.00 3.71 15.79
N THR C 178 -14.13 2.47 16.25
CA THR C 178 -13.39 2.02 17.42
C THR C 178 -12.15 1.24 17.00
N TYR C 179 -11.27 1.00 17.97
CA TYR C 179 -10.08 0.19 17.77
C TYR C 179 -10.20 -1.07 18.61
N SER C 180 -9.41 -2.08 18.28
CA SER C 180 -9.33 -3.28 19.09
C SER C 180 -7.87 -3.70 19.20
N MET C 181 -7.55 -4.44 20.25
CA MET C 181 -6.17 -4.82 20.50
C MET C 181 -6.06 -6.22 21.10
N SER C 182 -5.08 -6.96 20.62
CA SER C 182 -4.74 -8.26 21.19
C SER C 182 -3.36 -8.17 21.82
N SER C 183 -3.27 -8.66 23.06
CA SER C 183 -2.01 -8.73 23.77
C SER C 183 -1.82 -10.17 24.21
N THR C 184 -0.69 -10.75 23.84
CA THR C 184 -0.40 -12.15 24.15
C THR C 184 0.89 -12.26 24.92
N LEU C 185 0.80 -12.77 26.15
CA LEU C 185 1.98 -13.05 26.95
C LEU C 185 2.40 -14.49 26.72
N THR C 186 3.46 -14.69 25.94
CA THR C 186 3.90 -16.04 25.62
C THR C 186 4.93 -16.55 26.61
N LEU C 187 4.57 -17.60 27.33
CA LEU C 187 5.44 -18.21 28.30
C LEU C 187 5.72 -19.64 27.86
N THR C 188 6.68 -20.28 28.52
CA THR C 188 6.88 -21.71 28.37
C THR C 188 5.93 -22.39 29.33
N LYS C 189 5.57 -23.64 29.04
CA LYS C 189 4.74 -24.40 29.96
C LYS C 189 5.44 -24.49 31.31
N ASP C 190 6.76 -24.64 31.27
CA ASP C 190 7.58 -24.73 32.47
C ASP C 190 7.29 -23.58 33.44
N GLU C 191 7.44 -22.35 32.96
CA GLU C 191 7.21 -21.17 33.80
C GLU C 191 5.73 -21.03 34.14
N TYR C 192 4.87 -21.26 33.15
CA TYR C 192 3.42 -21.11 33.35
C TYR C 192 2.93 -21.93 34.54
N GLU C 193 3.44 -23.14 34.68
CA GLU C 193 2.93 -24.08 35.68
C GLU C 193 3.49 -23.82 37.08
N ARG C 194 4.43 -22.89 37.20
CA ARG C 194 5.03 -22.57 38.50
C ARG C 194 4.35 -21.39 39.17
N HIS C 195 3.42 -20.75 38.47
CA HIS C 195 2.70 -19.61 39.01
C HIS C 195 1.19 -19.87 38.95
N ASN C 196 0.41 -19.08 39.68
CA ASN C 196 -1.03 -19.33 39.81
C ASN C 196 -1.90 -18.31 39.10
N SER C 197 -1.79 -17.05 39.49
CA SER C 197 -2.68 -16.01 38.95
C SER C 197 -2.05 -15.29 37.77
N TYR C 198 -2.87 -15.08 36.74
CA TYR C 198 -2.46 -14.37 35.53
C TYR C 198 -3.47 -13.28 35.24
N THR C 199 -2.96 -12.07 35.04
CA THR C 199 -3.82 -10.90 34.94
C THR C 199 -3.36 -9.97 33.82
N CYS C 200 -4.33 -9.36 33.13
CA CYS C 200 -4.02 -8.27 32.22
C CYS C 200 -4.85 -7.05 32.63
N GLU C 201 -4.19 -5.91 32.72
CA GLU C 201 -4.80 -4.68 33.17
C GLU C 201 -4.79 -3.66 32.03
N ALA C 202 -5.97 -3.15 31.68
CA ALA C 202 -6.08 -2.20 30.60
C ALA C 202 -6.31 -0.79 31.14
N THR C 203 -5.27 0.03 31.07
CA THR C 203 -5.39 1.43 31.45
C THR C 203 -5.76 2.25 30.23
N HIS C 204 -6.87 2.96 30.31
CA HIS C 204 -7.42 3.66 29.16
C HIS C 204 -7.92 5.03 29.57
N LYS C 205 -8.05 5.93 28.60
CA LYS C 205 -8.51 7.28 28.87
C LYS C 205 -9.85 7.29 29.61
N THR C 206 -10.66 6.26 29.40
CA THR C 206 -12.04 6.25 29.91
C THR C 206 -12.15 6.02 31.42
N SER C 207 -11.09 5.51 32.05
CA SER C 207 -11.15 5.22 33.48
C SER C 207 -9.84 5.50 34.20
N THR C 208 -9.96 5.98 35.43
CA THR C 208 -8.81 6.22 36.29
C THR C 208 -8.33 4.88 36.86
N SER C 209 -9.28 3.99 37.12
CA SER C 209 -8.95 2.65 37.58
C SER C 209 -8.84 1.71 36.38
N PRO C 210 -7.82 0.85 36.38
CA PRO C 210 -7.60 -0.04 35.22
C PRO C 210 -8.68 -1.11 35.12
N ILE C 211 -8.99 -1.54 33.90
CA ILE C 211 -9.88 -2.67 33.70
C ILE C 211 -9.08 -3.96 33.83
N VAL C 212 -9.39 -4.74 34.86
CA VAL C 212 -8.59 -5.90 35.20
C VAL C 212 -9.33 -7.21 34.94
N LYS C 213 -8.70 -8.08 34.16
CA LYS C 213 -9.23 -9.42 33.94
C LYS C 213 -8.19 -10.45 34.35
N SER C 214 -8.63 -11.46 35.08
CA SER C 214 -7.71 -12.41 35.70
C SER C 214 -8.26 -13.82 35.69
N PHE C 215 -7.36 -14.80 35.83
CA PHE C 215 -7.76 -16.18 36.07
C PHE C 215 -6.69 -16.88 36.89
N ASN C 216 -7.07 -17.96 37.56
CA ASN C 216 -6.12 -18.75 38.34
C ASN C 216 -5.92 -20.11 37.69
N ARG C 217 -4.67 -20.53 37.55
CA ARG C 217 -4.33 -21.77 36.85
C ARG C 217 -5.12 -22.95 37.39
N ASN C 218 -5.59 -22.84 38.62
CA ASN C 218 -6.44 -23.87 39.20
C ASN C 218 -7.63 -24.19 38.30
C1 GOL D . -10.10 19.47 -32.40
O1 GOL D . -9.52 18.19 -32.23
C2 GOL D . -9.67 20.05 -33.74
O2 GOL D . -8.74 19.18 -34.36
C3 GOL D . -9.04 21.42 -33.56
O3 GOL D . -8.21 21.70 -34.67
H11 GOL D . -9.78 20.13 -31.59
H12 GOL D . -11.19 19.39 -32.36
HO1 GOL D . -10.23 17.51 -32.25
H2 GOL D . -10.56 20.15 -34.37
HO2 GOL D . -7.97 19.08 -33.77
H31 GOL D . -8.44 21.43 -32.65
H32 GOL D . -9.81 22.18 -33.48
HO3 GOL D . -7.85 22.61 -34.58
NA NA E . -16.43 -24.51 9.87
NA NA F . -18.47 -24.60 14.10
NA NA G . -2.38 -11.19 18.04
NA NA H . -10.10 -4.95 -23.68
C1 GOL I . -3.23 -27.23 15.27
O1 GOL I . -2.63 -27.32 14.00
C2 GOL I . -3.21 -28.60 15.92
O2 GOL I . -3.72 -29.56 15.03
C3 GOL I . -4.10 -28.51 17.15
O3 GOL I . -3.39 -27.80 18.15
H11 GOL I . -4.26 -26.88 15.17
H12 GOL I . -2.68 -26.52 15.88
HO1 GOL I . -2.92 -26.57 13.45
H2 GOL I . -2.20 -28.85 16.22
HO2 GOL I . -4.63 -29.32 14.77
H31 GOL I . -4.35 -29.50 17.50
H32 GOL I . -5.02 -27.99 16.91
HO3 GOL I . -3.97 -27.69 18.93
ZN ZN J . 8.51 -17.59 37.11
CL CL K . 9.71 -15.97 37.67
CL CL L . 9.54 -19.38 37.16
#